data_7XKC
#
_entry.id   7XKC
#
_cell.length_a   53.850
_cell.length_b   66.210
_cell.length_c   121.600
_cell.angle_alpha   90.000
_cell.angle_beta   90.000
_cell.angle_gamma   90.000
#
_symmetry.space_group_name_H-M   'P 21 21 21'
#
loop_
_entity.id
_entity.type
_entity.pdbx_description
1 polymer DCHP
2 non-polymer 'SULFATE ION'
3 water water
#
_entity_poly.entity_id   1
_entity_poly.type   'polypeptide(L)'
_entity_poly.pdbx_seq_one_letter_code
;HHHHHHSSGLEVLFQGPGSMESLLSCRGGKSSWPELVGKEGHIAAATVERENRHVRATVMREGSPTTQDFRCDRVWVVVN
NRGIVVSPPHIG
;
_entity_poly.pdbx_strand_id   A,B,C,D
#
loop_
_chem_comp.id
_chem_comp.type
_chem_comp.name
_chem_comp.formula
SO4 non-polymer 'SULFATE ION' 'O4 S -2'
#
# COMPACT_ATOMS: atom_id res chain seq x y z
N GLY A 9 -12.61 -19.62 1.49
CA GLY A 9 -12.33 -20.24 0.18
C GLY A 9 -10.94 -20.86 0.15
N LEU A 10 -9.89 -20.04 -0.02
CA LEU A 10 -8.49 -20.47 -0.29
C LEU A 10 -8.00 -21.42 0.81
N GLU A 11 -7.56 -22.60 0.38
CA GLU A 11 -6.76 -23.53 1.21
C GLU A 11 -5.32 -23.51 0.71
N VAL A 12 -4.37 -23.42 1.64
CA VAL A 12 -2.93 -23.47 1.32
C VAL A 12 -2.30 -24.58 2.16
N LEU A 13 -1.79 -25.60 1.47
CA LEU A 13 -0.97 -26.70 2.01
C LEU A 13 0.48 -26.24 2.00
N PHE A 14 1.15 -26.25 3.16
CA PHE A 14 2.58 -25.94 3.36
C PHE A 14 3.29 -27.27 3.55
N GLN A 15 4.21 -27.55 2.63
CA GLN A 15 5.11 -28.73 2.63
C GLN A 15 6.40 -28.27 3.33
N GLY A 16 6.39 -28.40 4.67
CA GLY A 16 7.13 -27.56 5.62
C GLY A 16 8.61 -27.93 5.65
N PRO A 17 9.32 -27.57 6.74
CA PRO A 17 10.76 -27.84 6.84
C PRO A 17 11.17 -29.30 6.62
N GLY A 18 10.37 -30.29 7.03
CA GLY A 18 10.66 -31.71 6.80
C GLY A 18 9.65 -32.31 5.84
N SER A 19 9.06 -33.44 6.24
CA SER A 19 7.76 -33.96 5.71
C SER A 19 6.59 -33.29 6.45
N MET A 20 6.84 -32.18 7.14
CA MET A 20 5.84 -31.31 7.81
C MET A 20 4.72 -30.93 6.83
N GLU A 21 3.48 -31.36 7.12
CA GLU A 21 2.24 -30.89 6.47
C GLU A 21 1.58 -29.87 7.40
N SER A 22 1.06 -28.77 6.86
CA SER A 22 0.10 -27.87 7.55
C SER A 22 -0.83 -27.21 6.53
N LEU A 23 -2.03 -26.82 6.96
CA LEU A 23 -3.04 -26.12 6.14
C LEU A 23 -3.35 -24.76 6.77
N LEU A 24 -3.51 -23.71 5.95
CA LEU A 24 -4.28 -22.51 6.29
C LEU A 24 -5.59 -22.56 5.53
N SER A 25 -6.70 -22.27 6.19
CA SER A 25 -8.03 -22.06 5.57
C SER A 25 -8.31 -20.56 5.63
N CYS A 26 -8.03 -19.83 4.57
CA CYS A 26 -8.33 -18.37 4.46
C CYS A 26 -9.84 -18.20 4.28
N ARG A 27 -10.38 -17.07 4.72
CA ARG A 27 -11.83 -16.87 4.99
C ARG A 27 -12.61 -16.69 3.69
N GLY A 28 -12.37 -15.63 2.91
CA GLY A 28 -13.36 -15.07 1.97
C GLY A 28 -13.50 -15.86 0.68
N GLY A 29 -13.85 -15.17 -0.40
CA GLY A 29 -14.03 -15.74 -1.75
C GLY A 29 -12.76 -15.56 -2.56
N LYS A 30 -12.59 -14.38 -3.16
CA LYS A 30 -11.55 -14.11 -4.18
C LYS A 30 -10.17 -14.02 -3.49
N SER A 31 -9.16 -14.64 -4.09
CA SER A 31 -7.77 -14.70 -3.58
C SER A 31 -6.78 -14.11 -4.59
N SER A 32 -7.19 -13.83 -5.83
CA SER A 32 -6.28 -13.41 -6.94
C SER A 32 -6.97 -12.39 -7.84
N TRP A 33 -6.25 -11.36 -8.29
CA TRP A 33 -6.77 -10.21 -9.07
C TRP A 33 -5.94 -9.97 -10.32
N PRO A 34 -5.92 -10.92 -11.29
CA PRO A 34 -5.18 -10.74 -12.54
C PRO A 34 -5.66 -9.47 -13.28
N GLU A 35 -6.95 -9.16 -13.22
CA GLU A 35 -7.58 -8.04 -13.96
C GLU A 35 -7.07 -6.70 -13.44
N LEU A 36 -6.29 -6.68 -12.35
CA LEU A 36 -5.81 -5.42 -11.71
C LEU A 36 -4.40 -5.05 -12.20
N VAL A 37 -3.73 -5.96 -12.93
CA VAL A 37 -2.40 -5.66 -13.52
C VAL A 37 -2.59 -4.50 -14.50
N GLY A 38 -1.80 -3.43 -14.37
CA GLY A 38 -1.81 -2.27 -15.28
C GLY A 38 -2.68 -1.14 -14.76
N LYS A 39 -3.41 -1.34 -13.66
CA LYS A 39 -4.24 -0.27 -13.03
C LYS A 39 -3.37 0.49 -12.02
N GLU A 40 -3.83 1.66 -11.58
CA GLU A 40 -3.16 2.46 -10.52
C GLU A 40 -3.33 1.70 -9.19
N GLY A 41 -2.26 1.69 -8.38
CA GLY A 41 -2.19 0.99 -7.09
C GLY A 41 -3.42 1.22 -6.22
N HIS A 42 -3.90 2.47 -6.15
CA HIS A 42 -4.96 2.90 -5.20
C HIS A 42 -6.32 2.42 -5.69
N ILE A 43 -6.56 2.38 -7.01
CA ILE A 43 -7.78 1.80 -7.62
C ILE A 43 -7.78 0.30 -7.30
N ALA A 44 -6.64 -0.36 -7.53
CA ALA A 44 -6.45 -1.81 -7.32
C ALA A 44 -6.72 -2.18 -5.86
N ALA A 45 -6.10 -1.47 -4.92
CA ALA A 45 -6.22 -1.72 -3.47
C ALA A 45 -7.69 -1.56 -3.04
N ALA A 46 -8.41 -0.57 -3.60
CA ALA A 46 -9.82 -0.33 -3.27
C ALA A 46 -10.67 -1.50 -3.80
N THR A 47 -10.40 -1.96 -5.02
CA THR A 47 -11.14 -3.07 -5.67
C THR A 47 -10.94 -4.37 -4.88
N VAL A 48 -9.70 -4.67 -4.50
CA VAL A 48 -9.34 -5.84 -3.67
C VAL A 48 -10.20 -5.86 -2.40
N GLU A 49 -10.24 -4.73 -1.68
CA GLU A 49 -10.92 -4.64 -0.37
C GLU A 49 -12.44 -4.68 -0.58
N ARG A 50 -12.93 -4.06 -1.65
CA ARG A 50 -14.36 -4.08 -2.07
C ARG A 50 -14.78 -5.53 -2.33
N GLU A 51 -13.96 -6.31 -3.06
CA GLU A 51 -14.33 -7.67 -3.54
C GLU A 51 -14.07 -8.73 -2.46
N ASN A 52 -13.18 -8.44 -1.49
CA ASN A 52 -12.89 -9.37 -0.38
C ASN A 52 -12.70 -8.54 0.90
N ARG A 53 -13.73 -8.51 1.74
CA ARG A 53 -13.77 -7.67 2.96
C ARG A 53 -12.94 -8.28 4.08
N HIS A 54 -12.35 -9.47 3.86
CA HIS A 54 -11.51 -10.18 4.86
C HIS A 54 -10.03 -9.86 4.67
N VAL A 55 -9.64 -9.12 3.64
CA VAL A 55 -8.20 -8.85 3.34
C VAL A 55 -7.93 -7.36 3.46
N ARG A 56 -6.71 -7.03 3.88
CA ARG A 56 -6.16 -5.65 3.96
C ARG A 56 -5.16 -5.52 2.81
N ALA A 57 -5.42 -4.59 1.89
CA ALA A 57 -4.60 -4.34 0.68
C ALA A 57 -3.63 -3.21 1.02
N THR A 58 -2.34 -3.45 0.82
CA THR A 58 -1.26 -2.48 1.08
C THR A 58 -0.43 -2.36 -0.21
N VAL A 59 -0.23 -1.12 -0.65
CA VAL A 59 0.59 -0.81 -1.84
C VAL A 59 2.06 -0.90 -1.42
N MET A 60 2.88 -1.56 -2.23
CA MET A 60 4.31 -1.83 -1.98
C MET A 60 5.07 -1.60 -3.29
N ARG A 61 6.25 -0.97 -3.25
CA ARG A 61 7.15 -0.88 -4.42
C ARG A 61 7.75 -2.26 -4.70
N GLU A 62 7.86 -2.60 -5.98
CA GLU A 62 8.57 -3.78 -6.56
C GLU A 62 9.82 -4.11 -5.74
N GLY A 63 10.03 -5.41 -5.52
CA GLY A 63 11.31 -6.01 -5.07
C GLY A 63 11.76 -5.52 -3.71
N SER A 64 10.86 -4.99 -2.88
CA SER A 64 11.17 -4.61 -1.49
C SER A 64 11.32 -5.89 -0.69
N PRO A 65 12.18 -5.93 0.36
CA PRO A 65 12.50 -7.20 1.03
C PRO A 65 11.23 -7.80 1.63
N THR A 66 10.86 -9.02 1.17
CA THR A 66 9.65 -9.75 1.65
C THR A 66 10.00 -10.46 2.96
N THR A 67 9.19 -10.19 3.99
CA THR A 67 9.04 -10.97 5.25
C THR A 67 8.68 -12.42 4.89
N GLN A 68 9.29 -13.37 5.58
CA GLN A 68 9.13 -14.83 5.33
C GLN A 68 7.95 -15.38 6.17
N ASP A 69 6.74 -14.95 5.84
CA ASP A 69 5.47 -15.43 6.42
C ASP A 69 4.41 -15.42 5.30
N PHE A 70 3.28 -16.08 5.54
CA PHE A 70 2.07 -16.07 4.67
C PHE A 70 0.88 -15.70 5.53
N ARG A 71 0.13 -14.67 5.15
CA ARG A 71 -1.06 -14.15 5.87
C ARG A 71 -2.29 -14.20 4.96
N CYS A 72 -3.32 -14.91 5.40
CA CYS A 72 -4.65 -15.02 4.75
C CYS A 72 -5.29 -13.64 4.53
N ASP A 73 -5.00 -12.66 5.39
CA ASP A 73 -5.77 -11.39 5.45
C ASP A 73 -4.99 -10.27 4.78
N ARG A 74 -3.88 -10.56 4.10
CA ARG A 74 -3.00 -9.54 3.46
C ARG A 74 -3.01 -9.73 1.95
N VAL A 75 -3.13 -8.62 1.22
CA VAL A 75 -2.95 -8.57 -0.26
C VAL A 75 -1.96 -7.44 -0.55
N TRP A 76 -0.73 -7.81 -0.91
CA TRP A 76 0.27 -6.86 -1.43
C TRP A 76 -0.20 -6.41 -2.81
N VAL A 77 -0.34 -5.10 -3.02
CA VAL A 77 -0.51 -4.46 -4.36
C VAL A 77 0.86 -3.95 -4.81
N VAL A 78 1.59 -4.73 -5.62
CA VAL A 78 3.00 -4.43 -5.98
C VAL A 78 3.02 -3.53 -7.20
N VAL A 79 3.61 -2.34 -7.06
CA VAL A 79 3.60 -1.26 -8.09
C VAL A 79 5.04 -0.92 -8.48
N ASN A 80 5.21 -0.38 -9.69
CA ASN A 80 6.50 0.16 -10.18
C ASN A 80 6.64 1.62 -9.71
N ASN A 81 7.70 2.29 -10.17
CA ASN A 81 8.07 3.70 -9.85
C ASN A 81 6.90 4.67 -10.18
N ARG A 82 5.98 4.28 -11.06
CA ARG A 82 4.85 5.11 -11.54
C ARG A 82 3.57 4.79 -10.77
N GLY A 83 3.57 3.81 -9.84
CA GLY A 83 2.40 3.47 -9.02
C GLY A 83 1.41 2.55 -9.73
N ILE A 84 1.86 1.92 -10.82
CA ILE A 84 1.08 0.95 -11.63
C ILE A 84 1.36 -0.47 -11.11
N VAL A 85 0.31 -1.28 -10.98
CA VAL A 85 0.38 -2.70 -10.54
C VAL A 85 1.10 -3.52 -11.62
N VAL A 86 2.12 -4.29 -11.24
CA VAL A 86 3.00 -5.03 -12.20
C VAL A 86 2.71 -6.53 -12.16
N SER A 87 2.07 -7.02 -11.11
CA SER A 87 1.78 -8.46 -10.87
C SER A 87 0.36 -8.59 -10.36
N PRO A 88 -0.34 -9.73 -10.58
CA PRO A 88 -1.68 -9.94 -10.01
C PRO A 88 -1.60 -9.89 -8.50
N PRO A 89 -2.29 -8.94 -7.82
CA PRO A 89 -2.40 -8.98 -6.36
C PRO A 89 -3.11 -10.28 -5.96
N HIS A 90 -2.60 -10.93 -4.93
CA HIS A 90 -3.13 -12.20 -4.39
C HIS A 90 -2.93 -12.24 -2.88
N ILE A 91 -3.72 -13.04 -2.19
CA ILE A 91 -3.61 -13.29 -0.73
C ILE A 91 -2.20 -13.83 -0.44
N GLY A 92 -1.63 -13.45 0.70
CA GLY A 92 -0.32 -13.96 1.15
C GLY A 92 0.41 -12.95 2.02
N LEU B 10 -8.57 22.18 4.11
CA LEU B 10 -9.47 23.11 3.39
C LEU B 10 -8.72 23.79 2.25
N GLU B 11 -7.79 24.71 2.53
CA GLU B 11 -7.17 25.54 1.46
C GLU B 11 -5.69 25.17 1.37
N VAL B 12 -5.16 25.03 0.15
CA VAL B 12 -3.71 24.82 -0.07
C VAL B 12 -3.23 25.88 -1.06
N LEU B 13 -2.37 26.77 -0.57
CA LEU B 13 -1.77 27.89 -1.32
C LEU B 13 -0.47 27.37 -1.94
N PHE B 14 -0.27 27.53 -3.24
CA PHE B 14 0.98 27.07 -3.89
C PHE B 14 1.60 28.14 -4.79
N GLN B 15 2.89 27.90 -5.01
CA GLN B 15 3.87 28.73 -5.74
C GLN B 15 3.87 28.26 -7.22
N MET B 20 1.61 33.00 -10.83
CA MET B 20 1.82 33.67 -9.51
C MET B 20 1.38 32.71 -8.40
N GLU B 21 0.40 33.12 -7.59
CA GLU B 21 -0.08 32.41 -6.38
C GLU B 21 -1.41 31.77 -6.76
N SER B 22 -1.66 30.54 -6.30
CA SER B 22 -2.83 29.72 -6.70
C SER B 22 -3.31 28.87 -5.52
N LEU B 23 -4.60 28.53 -5.53
CA LEU B 23 -5.29 27.86 -4.41
C LEU B 23 -5.93 26.59 -4.92
N LEU B 24 -5.86 25.50 -4.16
CA LEU B 24 -6.79 24.34 -4.25
C LEU B 24 -7.73 24.45 -3.06
N SER B 25 -9.02 24.25 -3.31
CA SER B 25 -10.09 24.27 -2.28
C SER B 25 -10.58 22.83 -2.13
N CYS B 26 -10.02 22.10 -1.18
CA CYS B 26 -10.39 20.69 -0.88
C CYS B 26 -11.74 20.69 -0.16
N ARG B 27 -12.56 19.67 -0.41
CA ARG B 27 -13.91 19.57 0.19
C ARG B 27 -13.72 18.97 1.58
N GLY B 28 -14.78 18.96 2.38
CA GLY B 28 -14.79 18.28 3.70
C GLY B 28 -14.07 19.09 4.76
N GLY B 29 -14.01 18.58 5.97
CA GLY B 29 -13.46 19.25 7.16
C GLY B 29 -12.02 18.84 7.37
N LYS B 30 -11.79 17.64 7.89
CA LYS B 30 -10.49 17.19 8.42
C LYS B 30 -9.52 16.88 7.26
N SER B 31 -8.28 17.32 7.39
CA SER B 31 -7.20 17.15 6.39
C SER B 31 -5.99 16.43 6.99
N SER B 32 -5.93 16.23 8.30
CA SER B 32 -4.75 15.69 9.02
C SER B 32 -5.19 14.79 10.19
N TRP B 33 -4.49 13.67 10.39
CA TRP B 33 -4.86 12.62 11.39
C TRP B 33 -3.65 12.24 12.26
N PRO B 34 -3.12 13.19 13.07
CA PRO B 34 -2.00 12.88 13.96
C PRO B 34 -2.34 11.74 14.92
N GLU B 35 -3.60 11.66 15.37
CA GLU B 35 -4.07 10.66 16.37
C GLU B 35 -4.01 9.24 15.78
N LEU B 36 -3.72 9.08 14.49
CA LEU B 36 -3.71 7.74 13.84
C LEU B 36 -2.30 7.16 13.80
N VAL B 37 -1.27 7.95 14.15
CA VAL B 37 0.13 7.44 14.23
C VAL B 37 0.15 6.34 15.30
N GLY B 38 0.68 5.17 14.96
CA GLY B 38 0.83 4.01 15.87
C GLY B 38 -0.32 3.02 15.77
N LYS B 39 -1.37 3.32 14.98
CA LYS B 39 -2.52 2.40 14.80
C LYS B 39 -2.24 1.49 13.60
N GLU B 40 -3.02 0.43 13.43
CA GLU B 40 -2.92 -0.47 12.24
C GLU B 40 -3.46 0.31 11.02
N GLY B 41 -2.77 0.16 9.88
CA GLY B 41 -3.04 0.89 8.65
C GLY B 41 -4.50 0.89 8.26
N HIS B 42 -5.15 -0.26 8.34
CA HIS B 42 -6.52 -0.46 7.81
C HIS B 42 -7.56 0.09 8.78
N ILE B 43 -7.29 0.11 10.09
CA ILE B 43 -8.14 0.84 11.07
C ILE B 43 -8.05 2.34 10.74
N ALA B 44 -6.84 2.84 10.53
CA ALA B 44 -6.54 4.27 10.22
C ALA B 44 -7.25 4.68 8.91
N ALA B 45 -7.12 3.89 7.86
CA ALA B 45 -7.73 4.16 6.53
C ALA B 45 -9.26 4.22 6.66
N ALA B 46 -9.85 3.35 7.47
CA ALA B 46 -11.32 3.33 7.70
C ALA B 46 -11.73 4.61 8.43
N THR B 47 -10.96 5.02 9.45
CA THR B 47 -11.23 6.23 10.27
C THR B 47 -11.16 7.47 9.39
N VAL B 48 -10.12 7.58 8.56
CA VAL B 48 -9.93 8.70 7.61
C VAL B 48 -11.19 8.85 6.74
N GLU B 49 -11.67 7.75 6.15
CA GLU B 49 -12.81 7.77 5.21
C GLU B 49 -14.10 8.08 5.96
N ARG B 50 -14.24 7.54 7.17
CA ARG B 50 -15.38 7.81 8.09
C ARG B 50 -15.42 9.31 8.42
N GLU B 51 -14.28 9.92 8.74
CA GLU B 51 -14.20 11.32 9.25
C GLU B 51 -14.17 12.34 8.09
N ASN B 52 -13.81 11.92 6.88
CA ASN B 52 -13.85 12.79 5.68
C ASN B 52 -14.35 11.96 4.50
N ARG B 53 -15.62 12.14 4.13
CA ARG B 53 -16.30 11.28 3.11
C ARG B 53 -15.88 11.71 1.70
N HIS B 54 -15.03 12.72 1.57
CA HIS B 54 -14.57 13.28 0.27
C HIS B 54 -13.20 12.73 -0.12
N VAL B 55 -12.57 11.92 0.74
CA VAL B 55 -11.19 11.41 0.47
C VAL B 55 -11.25 9.89 0.31
N ARG B 56 -10.33 9.37 -0.50
CA ARG B 56 -10.02 7.93 -0.60
C ARG B 56 -8.69 7.71 0.14
N ALA B 57 -8.70 6.85 1.15
CA ALA B 57 -7.48 6.46 1.92
C ALA B 57 -6.92 5.18 1.29
N THR B 58 -5.63 5.18 0.99
CA THR B 58 -4.89 3.97 0.55
C THR B 58 -3.71 3.75 1.49
N VAL B 59 -3.60 2.53 2.01
CA VAL B 59 -2.47 2.11 2.87
C VAL B 59 -1.30 1.82 1.93
N MET B 60 -0.12 2.34 2.25
CA MET B 60 1.09 2.29 1.40
C MET B 60 2.27 2.02 2.33
N ARG B 61 3.14 1.06 1.99
CA ARG B 61 4.41 0.85 2.69
C ARG B 61 5.36 2.02 2.44
N GLU B 62 6.06 2.46 3.48
CA GLU B 62 7.19 3.43 3.46
C GLU B 62 8.02 3.25 2.18
N GLY B 63 8.43 4.36 1.56
CA GLY B 63 9.36 4.36 0.42
C GLY B 63 8.69 3.93 -0.88
N SER B 64 7.44 4.35 -1.07
CA SER B 64 6.75 4.30 -2.39
C SER B 64 6.76 5.69 -3.02
N THR B 67 4.29 9.81 -6.95
CA THR B 67 3.68 10.56 -8.08
C THR B 67 3.78 12.07 -7.78
N GLN B 68 4.19 12.87 -8.77
CA GLN B 68 4.46 14.33 -8.57
C GLN B 68 3.19 15.14 -8.87
N ASP B 69 2.16 14.95 -8.03
CA ASP B 69 0.88 15.70 -8.05
C ASP B 69 0.40 15.86 -6.61
N PHE B 70 -0.56 16.75 -6.38
CA PHE B 70 -1.27 16.96 -5.09
C PHE B 70 -2.76 16.85 -5.38
N ARG B 71 -3.43 15.95 -4.67
CA ARG B 71 -4.86 15.59 -4.86
C ARG B 71 -5.59 15.81 -3.54
N CYS B 72 -6.61 16.68 -3.58
CA CYS B 72 -7.53 16.98 -2.46
C CYS B 72 -8.24 15.72 -1.95
N ASP B 73 -8.48 14.73 -2.82
CA ASP B 73 -9.37 13.57 -2.51
C ASP B 73 -8.56 12.33 -2.12
N ARG B 74 -7.24 12.46 -1.91
CA ARG B 74 -6.35 11.32 -1.58
C ARG B 74 -5.75 11.50 -0.18
N VAL B 75 -5.73 10.42 0.60
CA VAL B 75 -4.99 10.32 1.89
C VAL B 75 -4.16 9.04 1.83
N TRP B 76 -2.85 9.18 1.67
CA TRP B 76 -1.88 8.07 1.85
C TRP B 76 -1.80 7.77 3.35
N VAL B 77 -2.06 6.52 3.75
CA VAL B 77 -1.79 6.02 5.13
C VAL B 77 -0.46 5.27 5.06
N VAL B 78 0.64 5.91 5.48
CA VAL B 78 2.02 5.35 5.31
C VAL B 78 2.34 4.46 6.51
N VAL B 79 2.61 3.18 6.24
CA VAL B 79 2.87 2.14 7.27
C VAL B 79 4.28 1.58 7.08
N ASN B 80 4.84 1.04 8.17
CA ASN B 80 6.11 0.26 8.15
C ASN B 80 5.80 -1.18 7.74
N ASN B 81 6.83 -2.04 7.74
CA ASN B 81 6.79 -3.48 7.35
C ASN B 81 5.72 -4.25 8.16
N ARG B 82 5.35 -3.75 9.34
CA ARG B 82 4.39 -4.40 10.27
C ARG B 82 2.96 -3.85 10.08
N GLY B 83 2.73 -2.88 9.19
CA GLY B 83 1.38 -2.36 8.91
C GLY B 83 0.97 -1.26 9.88
N ILE B 84 1.92 -0.72 10.65
CA ILE B 84 1.67 0.37 11.65
C ILE B 84 1.92 1.72 10.98
N VAL B 85 1.03 2.69 11.22
CA VAL B 85 1.12 4.07 10.68
C VAL B 85 2.31 4.78 11.33
N VAL B 86 3.22 5.35 10.53
CA VAL B 86 4.50 5.97 11.01
C VAL B 86 4.43 7.49 10.88
N SER B 87 3.52 8.04 10.10
CA SER B 87 3.37 9.51 9.90
C SER B 87 1.88 9.86 9.98
N PRO B 88 1.51 11.10 10.38
CA PRO B 88 0.11 11.51 10.37
C PRO B 88 -0.41 11.45 8.94
N PRO B 89 -1.44 10.63 8.63
CA PRO B 89 -2.08 10.67 7.32
C PRO B 89 -2.69 12.07 7.12
N HIS B 90 -2.52 12.61 5.92
CA HIS B 90 -3.02 13.96 5.54
C HIS B 90 -3.43 13.94 4.07
N ILE B 91 -4.30 14.86 3.69
CA ILE B 91 -4.72 15.10 2.29
C ILE B 91 -3.47 15.40 1.45
N GLY B 92 -3.43 14.95 0.19
CA GLY B 92 -2.35 15.25 -0.76
C GLY B 92 -2.18 14.16 -1.79
N SER C 8 20.79 -23.16 2.63
CA SER C 8 21.35 -23.91 3.83
C SER C 8 20.29 -24.11 4.93
N GLY C 9 19.03 -23.70 4.73
CA GLY C 9 18.00 -23.64 5.79
C GLY C 9 16.67 -24.25 5.38
N LEU C 10 15.68 -24.15 6.27
CA LEU C 10 14.33 -24.77 6.09
C LEU C 10 13.61 -24.05 4.94
N GLU C 11 13.15 -24.84 3.97
CA GLU C 11 12.28 -24.40 2.88
C GLU C 11 10.87 -24.92 3.13
N VAL C 12 9.87 -24.09 2.85
CA VAL C 12 8.44 -24.48 2.93
C VAL C 12 7.82 -24.13 1.58
N LEU C 13 7.40 -25.17 0.87
CA LEU C 13 6.77 -25.08 -0.46
C LEU C 13 5.26 -25.02 -0.23
N PHE C 14 4.58 -24.05 -0.84
CA PHE C 14 3.10 -23.97 -0.78
C PHE C 14 2.48 -23.72 -2.16
N GLN C 15 1.19 -24.01 -2.21
CA GLN C 15 0.29 -23.86 -3.37
C GLN C 15 -0.43 -22.51 -3.23
N GLY C 16 0.25 -21.42 -3.60
CA GLY C 16 -0.27 -20.04 -3.52
C GLY C 16 -1.42 -19.78 -4.50
N PRO C 17 -2.08 -18.62 -4.40
CA PRO C 17 -3.19 -18.27 -5.28
C PRO C 17 -2.78 -18.29 -6.78
N GLY C 18 -3.53 -19.06 -7.57
CA GLY C 18 -3.39 -19.19 -9.03
C GLY C 18 -2.84 -20.54 -9.42
N SER C 19 -2.70 -21.46 -8.46
CA SER C 19 -1.81 -22.65 -8.49
C SER C 19 -0.33 -22.22 -8.38
N MET C 20 -0.09 -20.95 -8.03
CA MET C 20 1.26 -20.34 -7.89
C MET C 20 2.07 -21.16 -6.87
N GLU C 21 3.20 -21.72 -7.34
CA GLU C 21 4.15 -22.50 -6.49
C GLU C 21 5.18 -21.52 -5.90
N SER C 22 5.34 -21.56 -4.58
CA SER C 22 5.92 -20.44 -3.79
C SER C 22 6.63 -21.02 -2.56
N LEU C 23 7.66 -20.30 -2.13
CA LEU C 23 8.63 -20.75 -1.12
C LEU C 23 8.68 -19.71 -0.01
N LEU C 24 8.69 -20.16 1.25
CA LEU C 24 9.22 -19.39 2.39
C LEU C 24 10.58 -20.00 2.71
N SER C 25 11.58 -19.14 2.91
CA SER C 25 12.96 -19.53 3.30
C SER C 25 13.14 -19.20 4.77
N CYS C 26 12.81 -20.12 5.65
CA CYS C 26 12.97 -19.98 7.12
C CYS C 26 14.45 -20.14 7.43
N ARG C 27 14.94 -19.46 8.48
CA ARG C 27 16.39 -19.45 8.83
C ARG C 27 16.66 -20.78 9.56
N GLY C 28 17.92 -21.23 9.58
CA GLY C 28 18.29 -22.64 9.64
C GLY C 28 18.11 -23.27 11.01
N GLY C 29 18.34 -24.57 11.09
CA GLY C 29 18.38 -25.35 12.32
C GLY C 29 17.08 -26.08 12.56
N LYS C 30 16.77 -26.31 13.82
CA LYS C 30 15.70 -27.23 14.28
C LYS C 30 14.34 -26.59 14.03
N SER C 31 13.38 -27.37 13.54
CA SER C 31 12.00 -26.92 13.20
C SER C 31 10.93 -27.72 13.99
N SER C 32 11.31 -28.79 14.67
CA SER C 32 10.38 -29.74 15.33
C SER C 32 10.97 -30.25 16.66
N TRP C 33 10.14 -30.37 17.70
CA TRP C 33 10.57 -30.71 19.09
C TRP C 33 9.74 -31.86 19.67
N PRO C 34 9.80 -33.08 19.09
CA PRO C 34 9.04 -34.21 19.61
C PRO C 34 9.39 -34.50 21.07
N GLU C 35 10.65 -34.30 21.46
CA GLU C 35 11.17 -34.62 22.81
C GLU C 35 10.55 -33.69 23.85
N LEU C 36 9.79 -32.68 23.45
CA LEU C 36 9.21 -31.68 24.38
C LEU C 36 7.77 -32.05 24.76
N VAL C 37 7.18 -33.05 24.11
CA VAL C 37 5.83 -33.56 24.48
C VAL C 37 5.94 -34.11 25.91
N GLY C 38 5.06 -33.65 26.81
CA GLY C 38 5.01 -34.07 28.22
C GLY C 38 5.77 -33.14 29.16
N LYS C 39 6.49 -32.13 28.64
CA LYS C 39 7.20 -31.14 29.49
C LYS C 39 6.28 -29.96 29.80
N GLU C 40 6.61 -29.16 30.81
CA GLU C 40 5.85 -27.92 31.16
C GLU C 40 6.11 -26.88 30.05
N GLY C 41 5.05 -26.18 29.64
CA GLY C 41 5.03 -25.26 28.49
C GLY C 41 6.16 -24.27 28.53
N HIS C 42 6.48 -23.71 29.69
CA HIS C 42 7.46 -22.59 29.81
C HIS C 42 8.89 -23.14 29.75
N ILE C 43 9.12 -24.35 30.25
CA ILE C 43 10.43 -25.06 30.09
C ILE C 43 10.61 -25.34 28.59
N ALA C 44 9.58 -25.86 27.93
CA ALA C 44 9.56 -26.24 26.49
C ALA C 44 9.84 -25.00 25.63
N ALA C 45 9.15 -23.89 25.90
CA ALA C 45 9.31 -22.61 25.17
C ALA C 45 10.75 -22.11 25.31
N ALA C 46 11.36 -22.24 26.48
CA ALA C 46 12.75 -21.79 26.74
C ALA C 46 13.69 -22.67 25.92
N THR C 47 13.46 -23.99 25.91
CA THR C 47 14.30 -24.98 25.17
C THR C 47 14.24 -24.69 23.67
N VAL C 48 13.04 -24.48 23.13
CA VAL C 48 12.81 -24.12 21.70
C VAL C 48 13.67 -22.90 21.34
N GLU C 49 13.62 -21.85 22.14
CA GLU C 49 14.32 -20.56 21.84
C GLU C 49 15.82 -20.74 21.98
N ARG C 50 16.24 -21.53 22.97
CA ARG C 50 17.67 -21.92 23.19
C ARG C 50 18.19 -22.66 21.96
N GLU C 51 17.42 -23.61 21.43
CA GLU C 51 17.85 -24.53 20.33
C GLU C 51 17.64 -23.90 18.96
N ASN C 52 16.78 -22.89 18.82
CA ASN C 52 16.61 -22.14 17.55
C ASN C 52 16.47 -20.65 17.87
N ARG C 53 17.55 -19.91 17.64
CA ARG C 53 17.72 -18.49 18.01
C ARG C 53 16.95 -17.58 17.03
N HIS C 54 16.29 -18.14 16.03
CA HIS C 54 15.54 -17.40 14.98
C HIS C 54 14.04 -17.44 15.25
N VAL C 55 13.58 -18.12 16.31
CA VAL C 55 12.11 -18.29 16.56
C VAL C 55 11.74 -17.63 17.87
N ARG C 56 10.50 -17.16 17.98
CA ARG C 56 9.83 -16.82 19.26
C ARG C 56 8.85 -17.95 19.59
N ALA C 57 8.96 -18.55 20.77
CA ALA C 57 8.06 -19.62 21.26
C ALA C 57 6.99 -18.99 22.15
N THR C 58 5.73 -19.29 21.87
CA THR C 58 4.56 -18.79 22.64
C THR C 58 3.73 -19.99 23.05
N VAL C 59 3.36 -20.05 24.33
CA VAL C 59 2.46 -21.09 24.89
C VAL C 59 1.03 -20.74 24.45
N MET C 60 0.30 -21.74 23.97
CA MET C 60 -1.10 -21.62 23.50
C MET C 60 -1.87 -22.82 24.06
N ARG C 61 -3.08 -22.62 24.58
CA ARG C 61 -3.95 -23.74 25.01
C ARG C 61 -4.48 -24.45 23.76
N GLU C 62 -4.54 -25.78 23.78
CA GLU C 62 -5.14 -26.63 22.71
C GLU C 62 -6.47 -26.04 22.24
N GLY C 63 -6.72 -26.09 20.93
CA GLY C 63 -8.00 -25.70 20.31
C GLY C 63 -8.37 -24.25 20.55
N SER C 64 -7.40 -23.38 20.86
CA SER C 64 -7.57 -21.91 20.84
C SER C 64 -7.75 -21.48 19.39
N PRO C 65 -8.48 -20.37 19.12
CA PRO C 65 -8.61 -19.88 17.74
C PRO C 65 -7.21 -19.62 17.14
N THR C 66 -6.90 -20.32 16.05
CA THR C 66 -5.66 -20.14 15.23
C THR C 66 -5.80 -18.88 14.37
N THR C 67 -4.83 -17.96 14.46
CA THR C 67 -4.59 -16.92 13.41
C THR C 67 -4.22 -17.62 12.10
N GLN C 68 -4.84 -17.25 10.98
CA GLN C 68 -4.67 -17.95 9.67
C GLN C 68 -3.52 -17.31 8.89
N ASP C 69 -2.30 -17.53 9.39
CA ASP C 69 -1.01 -17.21 8.72
C ASP C 69 -0.01 -18.31 9.06
N PHE C 70 1.11 -18.37 8.35
CA PHE C 70 2.26 -19.27 8.61
C PHE C 70 3.51 -18.40 8.74
N ARG C 71 4.21 -18.52 9.86
CA ARG C 71 5.36 -17.67 10.23
C ARG C 71 6.56 -18.56 10.53
N CYS C 72 7.67 -18.35 9.80
CA CYS C 72 8.97 -19.05 9.96
C CYS C 72 9.52 -18.86 11.38
N ASP C 73 9.23 -17.72 12.01
CA ASP C 73 9.92 -17.24 13.24
C ASP C 73 9.02 -17.48 14.46
N ARG C 74 7.93 -18.23 14.31
CA ARG C 74 7.03 -18.58 15.42
C ARG C 74 7.06 -20.09 15.70
N VAL C 75 7.06 -20.47 16.98
CA VAL C 75 6.80 -21.86 17.45
C VAL C 75 5.69 -21.80 18.50
N TRP C 76 4.50 -22.25 18.14
CA TRP C 76 3.41 -22.51 19.11
C TRP C 76 3.81 -23.70 19.98
N VAL C 77 3.85 -23.51 21.30
CA VAL C 77 3.97 -24.60 22.31
C VAL C 77 2.56 -24.91 22.81
N VAL C 78 1.93 -25.97 22.29
CA VAL C 78 0.48 -26.27 22.52
C VAL C 78 0.35 -27.10 23.80
N VAL C 79 -0.37 -26.58 24.79
CA VAL C 79 -0.51 -27.18 26.14
C VAL C 79 -1.96 -27.53 26.42
N ASN C 80 -2.19 -28.51 27.30
CA ASN C 80 -3.54 -28.90 27.80
C ASN C 80 -3.97 -27.93 28.91
N ASN C 81 -5.06 -28.27 29.61
CA ASN C 81 -5.70 -27.46 30.68
C ASN C 81 -4.73 -27.34 31.87
N ARG C 82 -3.77 -28.25 32.01
CA ARG C 82 -2.60 -28.07 32.90
C ARG C 82 -1.60 -27.26 32.07
N GLY C 83 -0.31 -27.30 32.35
CA GLY C 83 0.66 -26.49 31.58
C GLY C 83 1.36 -27.34 30.55
N ILE C 84 0.92 -28.57 30.26
CA ILE C 84 1.78 -29.65 29.68
C ILE C 84 1.64 -29.66 28.15
N VAL C 85 2.77 -29.78 27.45
CA VAL C 85 2.85 -29.85 25.96
C VAL C 85 2.22 -31.17 25.49
N VAL C 86 1.27 -31.12 24.56
CA VAL C 86 0.49 -32.30 24.10
C VAL C 86 0.89 -32.69 22.68
N SER C 87 1.53 -31.79 21.93
CA SER C 87 1.93 -32.01 20.51
C SER C 87 3.37 -31.53 20.36
N PRO C 88 4.16 -32.10 19.43
CA PRO C 88 5.52 -31.62 19.18
C PRO C 88 5.45 -30.17 18.72
N PRO C 89 6.05 -29.20 19.44
CA PRO C 89 6.13 -27.83 18.96
C PRO C 89 6.94 -27.83 17.66
N HIS C 90 6.48 -27.05 16.68
CA HIS C 90 7.14 -26.92 15.37
C HIS C 90 6.99 -25.49 14.85
N ILE C 91 7.86 -25.10 13.94
CA ILE C 91 7.80 -23.79 13.23
C ILE C 91 6.42 -23.68 12.53
N GLY C 92 5.86 -22.46 12.48
CA GLY C 92 4.58 -22.18 11.77
C GLY C 92 3.80 -21.06 12.43
N SER D 8 18.00 19.67 -10.36
CA SER D 8 16.67 20.14 -9.86
C SER D 8 16.00 21.01 -10.93
N GLY D 9 14.81 21.54 -10.61
CA GLY D 9 14.07 22.48 -11.49
C GLY D 9 12.56 22.27 -11.37
N LEU D 10 11.78 23.34 -11.49
CA LEU D 10 10.29 23.37 -11.42
C LEU D 10 9.84 22.82 -10.06
N GLU D 11 9.93 23.67 -9.04
CA GLU D 11 9.59 23.32 -7.65
C GLU D 11 8.30 24.06 -7.29
N VAL D 12 7.38 23.37 -6.63
CA VAL D 12 6.12 23.99 -6.13
C VAL D 12 6.03 23.66 -4.65
N LEU D 13 6.09 24.70 -3.82
CA LEU D 13 5.79 24.66 -2.37
C LEU D 13 4.28 24.85 -2.17
N PHE D 14 3.63 23.90 -1.51
CA PHE D 14 2.22 23.97 -1.08
C PHE D 14 2.23 24.27 0.42
N GLN D 15 1.64 25.41 0.78
CA GLN D 15 1.29 25.78 2.17
C GLN D 15 -0.13 25.27 2.41
N GLY D 16 -0.20 23.99 2.83
CA GLY D 16 -1.39 23.14 2.81
C GLY D 16 -2.40 23.56 3.86
N PRO D 17 -3.43 22.74 4.15
CA PRO D 17 -4.32 23.01 5.29
C PRO D 17 -3.53 23.05 6.60
N GLY D 18 -3.65 24.14 7.35
CA GLY D 18 -2.89 24.41 8.59
C GLY D 18 -1.45 24.78 8.28
N SER D 19 -0.49 24.17 8.98
CA SER D 19 0.95 24.44 8.84
C SER D 19 1.58 23.47 7.81
N MET D 20 0.76 22.71 7.07
CA MET D 20 1.21 21.64 6.14
C MET D 20 2.16 22.23 5.09
N GLU D 21 3.43 21.80 5.09
CA GLU D 21 4.46 22.13 4.08
C GLU D 21 4.60 20.89 3.20
N SER D 22 4.69 21.07 1.88
CA SER D 22 4.94 19.98 0.90
C SER D 22 5.57 20.57 -0.36
N LEU D 23 6.39 19.78 -1.05
CA LEU D 23 7.08 20.15 -2.29
C LEU D 23 6.70 19.13 -3.35
N LEU D 24 6.39 19.58 -4.58
CA LEU D 24 6.50 18.75 -5.80
C LEU D 24 7.72 19.21 -6.57
N SER D 25 8.49 18.27 -7.12
CA SER D 25 9.56 18.51 -8.11
C SER D 25 9.05 18.04 -9.46
N CYS D 26 8.52 18.96 -10.26
CA CYS D 26 8.09 18.70 -11.67
C CYS D 26 9.33 18.54 -12.56
N ARG D 27 9.21 17.75 -13.62
CA ARG D 27 10.29 17.53 -14.63
C ARG D 27 10.29 18.73 -15.60
N GLY D 28 11.13 18.64 -16.64
CA GLY D 28 11.03 19.49 -17.85
C GLY D 28 11.58 20.89 -17.61
N GLY D 29 11.61 21.67 -18.69
CA GLY D 29 12.09 23.06 -18.71
C GLY D 29 10.93 24.02 -18.59
N LYS D 30 10.24 24.28 -19.70
CA LYS D 30 9.23 25.36 -19.84
C LYS D 30 7.96 24.97 -19.08
N SER D 31 7.41 25.92 -18.32
CA SER D 31 6.23 25.71 -17.44
C SER D 31 5.12 26.71 -17.78
N SER D 32 5.38 27.72 -18.61
CA SER D 32 4.46 28.84 -18.92
C SER D 32 4.59 29.26 -20.37
N TRP D 33 3.46 29.55 -21.03
CA TRP D 33 3.37 29.87 -22.48
C TRP D 33 2.60 31.16 -22.71
N PRO D 34 3.13 32.33 -22.25
CA PRO D 34 2.46 33.60 -22.49
C PRO D 34 2.27 33.87 -23.98
N GLU D 35 3.22 33.44 -24.81
CA GLU D 35 3.23 33.71 -26.28
C GLU D 35 2.09 32.95 -26.97
N LEU D 36 1.35 32.10 -26.26
CA LEU D 36 0.26 31.28 -26.86
C LEU D 36 -1.10 31.96 -26.69
N VAL D 37 -1.17 33.03 -25.89
CA VAL D 37 -2.43 33.81 -25.74
C VAL D 37 -2.81 34.36 -27.12
N GLY D 38 -4.04 34.12 -27.57
CA GLY D 38 -4.58 34.61 -28.86
C GLY D 38 -4.46 33.58 -29.98
N LYS D 39 -3.81 32.43 -29.74
CA LYS D 39 -3.70 31.35 -30.75
C LYS D 39 -4.90 30.39 -30.64
N GLU D 40 -5.11 29.55 -31.66
CA GLU D 40 -6.16 28.50 -31.64
C GLU D 40 -5.72 27.42 -30.64
N GLY D 41 -6.67 26.92 -29.84
CA GLY D 41 -6.40 25.99 -28.71
C GLY D 41 -5.52 24.82 -29.12
N HIS D 42 -5.80 24.22 -30.27
CA HIS D 42 -5.18 22.95 -30.71
C HIS D 42 -3.77 23.21 -31.26
N ILE D 43 -3.52 24.38 -31.86
CA ILE D 43 -2.15 24.82 -32.25
C ILE D 43 -1.33 24.99 -30.96
N ALA D 44 -1.91 25.67 -29.96
CA ALA D 44 -1.28 25.98 -28.65
C ALA D 44 -0.93 24.68 -27.92
N ALA D 45 -1.88 23.75 -27.84
CA ALA D 45 -1.70 22.43 -27.18
C ALA D 45 -0.56 21.66 -27.85
N ALA D 46 -0.46 21.71 -29.17
CA ALA D 46 0.60 21.00 -29.94
C ALA D 46 1.96 21.64 -29.59
N THR D 47 2.01 22.98 -29.54
CA THR D 47 3.25 23.75 -29.25
C THR D 47 3.74 23.44 -27.83
N VAL D 48 2.83 23.44 -26.86
CA VAL D 48 3.12 23.08 -25.44
C VAL D 48 3.79 21.71 -25.39
N GLU D 49 3.23 20.70 -26.06
CA GLU D 49 3.71 19.30 -26.00
C GLU D 49 5.05 19.19 -26.73
N ARG D 50 5.18 19.92 -27.84
CA ARG D 50 6.44 20.03 -28.64
C ARG D 50 7.56 20.60 -27.75
N GLU D 51 7.27 21.67 -27.00
CA GLU D 51 8.28 22.44 -26.23
C GLU D 51 8.54 21.81 -24.86
N ASN D 52 7.62 21.00 -24.33
CA ASN D 52 7.82 20.25 -23.06
C ASN D 52 7.23 18.85 -23.22
N ARG D 53 8.09 17.86 -23.42
CA ARG D 53 7.72 16.46 -23.74
C ARG D 53 7.28 15.72 -22.48
N HIS D 54 7.30 16.38 -21.31
CA HIS D 54 6.89 15.79 -20.00
C HIS D 54 5.44 16.14 -19.67
N VAL D 55 4.76 16.97 -20.47
CA VAL D 55 3.39 17.46 -20.13
C VAL D 55 2.41 16.98 -21.19
N ARG D 56 1.17 16.73 -20.78
CA ARG D 56 0.00 16.46 -21.65
C ARG D 56 -0.87 17.74 -21.63
N ALA D 57 -1.10 18.33 -22.81
CA ALA D 57 -1.89 19.58 -22.95
C ALA D 57 -3.32 19.22 -23.33
N THR D 58 -4.29 19.75 -22.61
CA THR D 58 -5.74 19.54 -22.85
C THR D 58 -6.42 20.90 -22.98
N VAL D 59 -7.23 21.07 -24.02
CA VAL D 59 -8.06 22.28 -24.22
C VAL D 59 -9.24 22.22 -23.25
N MET D 60 -9.51 23.31 -22.55
CA MET D 60 -10.60 23.47 -21.56
C MET D 60 -11.29 24.81 -21.81
N ARG D 61 -12.63 24.85 -21.79
CA ARG D 61 -13.37 26.13 -21.93
C ARG D 61 -13.22 26.91 -20.62
N GLU D 62 -13.05 28.24 -20.72
CA GLU D 62 -13.12 29.23 -19.60
C GLU D 62 -14.21 28.84 -18.61
N GLY D 63 -13.93 28.96 -17.30
CA GLY D 63 -14.92 28.81 -16.21
C GLY D 63 -15.58 27.44 -16.16
N SER D 64 -14.95 26.41 -16.75
CA SER D 64 -15.36 24.99 -16.58
C SER D 64 -15.07 24.59 -15.14
N PRO D 65 -15.82 23.63 -14.57
CA PRO D 65 -15.51 23.11 -13.24
C PRO D 65 -14.07 22.58 -13.21
N THR D 66 -13.22 23.17 -12.36
CA THR D 66 -11.81 22.76 -12.13
C THR D 66 -11.83 21.54 -11.19
N THR D 67 -11.15 20.45 -11.58
CA THR D 67 -10.70 19.39 -10.63
C THR D 67 -9.73 20.02 -9.62
N GLN D 68 -9.91 19.77 -8.32
CA GLN D 68 -9.11 20.43 -7.25
C GLN D 68 -7.89 19.56 -6.91
N ASP D 69 -6.96 19.50 -7.86
CA ASP D 69 -5.64 18.84 -7.73
C ASP D 69 -4.61 19.66 -8.53
N PHE D 70 -3.32 19.39 -8.35
CA PHE D 70 -2.19 19.96 -9.12
C PHE D 70 -1.37 18.79 -9.68
N ARG D 71 -1.16 18.79 -11.00
CA ARG D 71 -0.39 17.78 -11.74
C ARG D 71 0.77 18.45 -12.49
N CYS D 72 1.99 18.00 -12.21
CA CYS D 72 3.25 18.44 -12.88
C CYS D 72 3.19 18.17 -14.40
N ASP D 73 2.45 17.14 -14.81
CA ASP D 73 2.48 16.61 -16.21
C ASP D 73 1.26 17.11 -17.01
N ARG D 74 0.49 18.05 -16.48
CA ARG D 74 -0.71 18.60 -17.16
C ARG D 74 -0.49 20.09 -17.48
N VAL D 75 -0.92 20.50 -18.68
CA VAL D 75 -1.08 21.93 -19.07
C VAL D 75 -2.50 22.11 -19.60
N TRP D 76 -3.35 22.77 -18.84
CA TRP D 76 -4.67 23.27 -19.32
C TRP D 76 -4.42 24.39 -20.32
N VAL D 77 -4.93 24.26 -21.55
CA VAL D 77 -5.01 25.35 -22.55
C VAL D 77 -6.43 25.93 -22.48
N VAL D 78 -6.61 27.06 -21.79
CA VAL D 78 -7.95 27.65 -21.50
C VAL D 78 -8.39 28.53 -22.67
N VAL D 79 -9.52 28.19 -23.30
CA VAL D 79 -10.05 28.86 -24.52
C VAL D 79 -11.43 29.46 -24.25
N ASN D 80 -11.81 30.47 -25.02
CA ASN D 80 -13.17 31.07 -25.02
C ASN D 80 -14.07 30.23 -25.95
N ASN D 81 -15.32 30.68 -26.15
CA ASN D 81 -16.37 30.00 -26.98
C ASN D 81 -15.89 29.79 -28.42
N ARG D 82 -14.90 30.56 -28.87
CA ARG D 82 -14.34 30.52 -30.25
C ARG D 82 -13.11 29.61 -30.34
N GLY D 83 -12.63 29.04 -29.24
CA GLY D 83 -11.47 28.10 -29.26
C GLY D 83 -10.13 28.84 -29.24
N ILE D 84 -10.15 30.13 -28.91
CA ILE D 84 -8.93 30.99 -28.77
C ILE D 84 -8.45 30.96 -27.32
N VAL D 85 -7.14 30.84 -27.12
CA VAL D 85 -6.46 30.83 -25.79
C VAL D 85 -6.59 32.23 -25.16
N VAL D 86 -7.10 32.33 -23.94
CA VAL D 86 -7.41 33.62 -23.24
C VAL D 86 -6.39 33.88 -22.12
N SER D 87 -5.68 32.86 -21.65
CA SER D 87 -4.72 32.95 -20.52
C SER D 87 -3.46 32.17 -20.90
N PRO D 88 -2.27 32.53 -20.36
CA PRO D 88 -1.05 31.78 -20.62
C PRO D 88 -1.23 30.35 -20.10
N PRO D 89 -1.15 29.30 -20.96
CA PRO D 89 -1.12 27.93 -20.49
C PRO D 89 0.12 27.73 -19.61
N HIS D 90 -0.06 27.03 -18.49
CA HIS D 90 1.02 26.74 -17.52
C HIS D 90 0.80 25.36 -16.89
N ILE D 91 1.87 24.76 -16.38
CA ILE D 91 1.83 23.47 -15.65
C ILE D 91 0.86 23.59 -14.47
N GLY D 92 0.12 22.53 -14.16
CA GLY D 92 -0.80 22.46 -13.02
C GLY D 92 -1.98 21.52 -13.27
S SO4 E . -2.68 9.79 -9.44
O1 SO4 E . -3.86 10.36 -10.03
O2 SO4 E . -1.57 9.91 -10.33
O3 SO4 E . -2.37 10.47 -8.21
O4 SO4 E . -2.92 8.38 -9.17
S SO4 F . 0.02 -13.13 14.31
O1 SO4 F . 0.40 -13.82 13.11
O2 SO4 F . -1.23 -12.47 14.10
O3 SO4 F . 1.03 -12.18 14.65
O4 SO4 F . -0.11 -14.09 15.37
S SO4 G . -7.57 14.57 -12.96
O1 SO4 G . -8.30 15.61 -12.28
O2 SO4 G . -6.69 15.14 -13.94
O3 SO4 G . -8.51 13.70 -13.62
O4 SO4 G . -6.81 13.82 -11.99
#